data_4O41
#
_entry.id   4O41
#
_cell.length_a   22.360
_cell.length_b   34.330
_cell.length_c   43.300
_cell.angle_alpha   110.03
_cell.angle_beta   94.24
_cell.angle_gamma   95.83
#
_symmetry.space_group_name_H-M   'P 1'
#
loop_
_entity.id
_entity.type
_entity.pdbx_description
1 polymer 'AMIDE LINKED RNA'
2 non-polymer 'STRONTIUM ION'
3 water water
#
_entity_poly.entity_id   1
_entity_poly.type   'polyribonucleotide'
_entity_poly.pdbx_seq_one_letter_code
;UGAGC(URU)CGGCUC
;
_entity_poly.pdbx_strand_id   A,B,C,D
#
loop_
_chem_comp.id
_chem_comp.type
_chem_comp.name
_chem_comp.formula
A RNA linking ADENOSINE-5'-MONOPHOSPHATE 'C10 H14 N5 O7 P'
C RNA linking CYTIDINE-5'-MONOPHOSPHATE 'C9 H14 N3 O8 P'
G RNA linking GUANOSINE-5'-MONOPHOSPHATE 'C10 H14 N5 O8 P'
SR non-polymer 'STRONTIUM ION' 'Sr 2'
U RNA linking URIDINE-5'-MONOPHOSPHATE 'C9 H13 N2 O9 P'
URU RNA linking '((2S,3S,4R,5R)-5-(2,4-dioxo-3,4-dihydropyrimidin-1(2H)-yl)-3-(2- ((((2R,5R)-5-(2,4-dioxo-3,4-dihydropyrimidin-1(2H)-yl)- 3,4-dihydroxytetrahydrofuran-2-yl)methyl)amino)-2-oxoethyl)-4- hydroxytetrahydrofuran-2-yl)methyl phosphate' 'C20 H26 N5 O14 P'
#
# COMPACT_ATOMS: atom_id res chain seq x y z
P URU A 6 -8.03 4.77 -18.53
OP1 URU A 6 -9.52 4.72 -18.60
O5' URU A 6 -7.46 3.33 -18.12
C5' URU A 6 -7.93 2.13 -18.76
C4' URU A 6 -7.16 0.95 -18.21
C3' URU A 6 -7.09 0.80 -16.70
C6' URU A 6 -8.37 0.24 -16.08
C2' URU A 6 -5.82 -0.03 -16.52
O2' URU A 6 -6.15 -1.40 -16.76
C1' URU A 6 -4.93 0.57 -17.61
O4' URU A 6 -5.76 1.09 -18.60
N1 URU A 6 -4.10 1.63 -17.03
C6 URU A 6 -4.41 2.96 -17.17
C5 URU A 6 -3.65 3.93 -16.64
C4 URU A 6 -2.48 3.59 -15.90
N3 URU A 6 -2.25 2.24 -15.80
C2 URU A 6 -3.00 1.24 -16.32
O2 URU A 6 -2.71 0.07 -16.17
O4 URU A 6 -1.74 4.41 -15.37
OP2 URU A 6 -7.36 5.74 -17.62
C URU A 6 -8.21 0.06 -14.58
O3 URU A 6 -7.38 0.65 -13.91
NZ' URU A 6 -9.09 -0.85 -13.99
CZ' URU A 6 -9.12 -1.12 -12.57
CY' URU A 6 -8.54 -2.54 -12.38
CX' URU A 6 -8.11 -2.76 -10.93
OX' URU A 6 -9.27 -3.05 -10.17
CW' URU A 6 -7.06 -3.85 -11.08
OW' URU A 6 -7.73 -5.06 -11.25
CV' URU A 6 -6.36 -3.46 -12.40
OY' URU A 6 -7.28 -2.69 -13.12
N11 URU A 6 -5.14 -2.67 -12.16
C16 URU A 6 -5.04 -1.33 -12.52
C15 URU A 6 -3.89 -0.66 -12.35
C14 URU A 6 -2.75 -1.30 -11.78
N13 URU A 6 -2.93 -2.62 -11.46
C12 URU A 6 -4.07 -3.34 -11.62
O12 URU A 6 -4.13 -4.53 -11.30
O14 URU A 6 -1.64 -0.83 -11.55
P URU B 6 -3.75 12.64 -12.29
P URU B 6 -3.64 12.08 -12.69
OP1 URU B 6 -2.76 13.66 -12.70
OP1 URU B 6 -2.81 13.18 -13.25
O5' URU B 6 -3.02 11.61 -11.30
C5' URU B 6 -2.43 12.33 -10.21
C4' URU B 6 -1.85 11.39 -9.20
C3' URU B 6 -0.99 10.25 -9.75
C6' URU B 6 0.39 10.70 -10.22
C2' URU B 6 -1.07 9.25 -8.60
O2' URU B 6 -0.23 9.62 -7.58
C1' URU B 6 -2.54 9.39 -8.20
O4' URU B 6 -2.92 10.71 -8.51
N1 URU B 6 -3.40 8.45 -8.93
C6 URU B 6 -4.12 8.77 -10.05
C5 URU B 6 -4.90 7.89 -10.68
C4 URU B 6 -4.99 6.56 -10.19
N3 URU B 6 -4.26 6.27 -9.07
C2 URU B 6 -3.46 7.15 -8.39
O2 URU B 6 -2.85 6.81 -7.41
O4 URU B 6 -5.66 5.64 -10.68
OP2 URU B 6 -4.47 11.78 -13.26
OP2 URU B 6 -3.98 10.88 -13.49
C URU B 6 1.12 9.40 -10.55
C URU B 6 1.20 9.65 -10.87
O3 URU B 6 0.60 8.32 -10.79
O3 URU B 6 0.88 9.04 -11.86
NZ' URU B 6 2.55 9.47 -10.56
NZ' URU B 6 2.45 9.38 -10.23
CZ' URU B 6 3.27 8.26 -10.89
CZ' URU B 6 3.30 8.38 -10.84
CY' URU B 6 3.93 7.63 -9.65
CX' URU B 6 4.45 6.23 -10.05
OX' URU B 6 5.73 6.41 -10.70
CW' URU B 6 4.55 5.63 -8.65
OW' URU B 6 5.73 6.23 -8.02
CV' URU B 6 3.30 6.11 -7.91
OY' URU B 6 2.97 7.29 -8.63
N11 URU B 6 2.20 5.14 -8.10
C16 URU B 6 1.08 5.37 -8.86
C15 URU B 6 0.07 4.48 -8.88
C14 URU B 6 0.13 3.28 -8.15
N13 URU B 6 1.30 3.13 -7.43
C12 URU B 6 2.35 3.99 -7.35
O12 URU B 6 3.34 3.82 -6.70
O14 URU B 6 -0.70 2.35 -8.07
P URU C 6 -1.21 -2.01 6.70
OP1 URU C 6 -2.69 -1.95 6.54
O5' URU C 6 -0.78 -3.54 6.87
C5' URU C 6 -1.34 -4.55 6.03
C4' URU C 6 -0.70 -5.87 6.39
C3' URU C 6 -0.72 -6.29 7.84
C6' URU C 6 -2.07 -6.77 8.36
C2' URU C 6 0.39 -7.34 7.89
O2' URU C 6 -0.05 -8.57 7.38
C1' URU C 6 1.41 -6.65 6.98
O4' URU C 6 0.71 -5.84 6.07
N1 URU C 6 2.30 -5.84 7.79
C6 URU C 6 2.19 -4.50 7.95
C5 URU C 6 3.04 -3.78 8.72
C4 URU C 6 4.09 -4.46 9.40
N3 URU C 6 4.15 -5.81 9.20
C2 URU C 6 3.30 -6.57 8.43
O2 URU C 6 3.41 -7.78 8.30
O4 URU C 6 4.92 -3.95 10.14
OP2 URU C 6 -0.49 -1.26 7.76
C URU C 6 -2.01 -7.18 9.78
O3 URU C 6 -1.09 -6.94 10.53
NZ' URU C 6 -3.17 -7.87 10.23
CZ' URU C 6 -3.16 -8.38 11.58
CY' URU C 6 -3.03 -9.92 11.48
CX' URU C 6 -2.75 -10.55 12.83
OX' URU C 6 -3.93 -10.70 13.63
CW' URU C 6 -1.96 -11.80 12.46
OW' URU C 6 -3.01 -12.74 12.10
CV' URU C 6 -1.13 -11.35 11.23
OY' URU C 6 -1.81 -10.22 10.75
N11 URU C 6 0.22 -10.95 11.67
C16 URU C 6 0.68 -9.67 11.59
C15 URU C 6 1.96 -9.33 11.88
C14 URU C 6 2.89 -10.33 12.25
N13 URU C 6 2.35 -11.62 12.33
C12 URU C 6 1.05 -12.01 12.04
O12 URU C 6 0.68 -13.11 12.12
O14 URU C 6 4.06 -10.19 12.54
P URU D 6 4.28 3.42 15.04
OP1 URU D 6 5.42 4.31 14.68
O5' URU D 6 4.83 2.25 15.95
C5' URU D 6 5.69 2.50 17.07
C4' URU D 6 5.91 1.21 17.81
C3' URU D 6 6.48 0.05 16.99
C6' URU D 6 7.96 0.16 16.62
C2' URU D 6 6.10 -1.12 17.87
O2' URU D 6 6.99 -1.33 18.96
C1' URU D 6 4.70 -0.70 18.33
O4' URU D 6 4.64 0.69 18.30
N1 URU D 6 3.71 -1.28 17.42
C6 URU D 6 3.15 -0.56 16.39
C5 URU D 6 2.24 -1.07 15.52
C4 URU D 6 1.85 -2.43 15.70
N3 URU D 6 2.45 -3.10 16.74
C2 URU D 6 3.38 -2.61 17.63
O2 URU D 6 3.86 -3.28 18.52
O4 URU D 6 1.02 -3.03 14.98
OP2 URU D 6 3.50 2.79 13.95
C URU D 6 8.38 -1.10 15.93
O3 URU D 6 7.73 -1.98 15.36
NZ' URU D 6 9.76 -1.29 15.91
CZ' URU D 6 10.20 -2.57 15.33
CY' URU D 6 10.75 -3.46 16.45
CX' URU D 6 11.22 -4.80 15.81
OX' URU D 6 12.55 -4.75 15.21
CW' URU D 6 11.17 -5.68 17.06
OW' URU D 6 12.44 -5.26 17.85
CV' URU D 6 9.98 -5.14 17.86
OY' URU D 6 9.75 -3.79 17.45
N11 URU D 6 8.69 -5.86 17.61
C16 URU D 6 7.64 -5.35 16.88
C15 URU D 6 6.55 -6.07 16.63
C14 URU D 6 6.42 -7.41 17.09
N13 URU D 6 7.51 -7.87 17.82
C12 URU D 6 8.64 -7.15 18.10
O12 URU D 6 9.54 -7.64 18.74
O14 URU D 6 5.43 -8.15 16.89
SR SR E . -19.56 16.91 -2.51
SR SR F . -8.05 2.67 -5.68
#